data_6DIY
# 
_entry.id   6DIY 
# 
_audit_conform.dict_name       mmcif_pdbx.dic 
_audit_conform.dict_version    5.387 
_audit_conform.dict_location   http://mmcif.pdb.org/dictionaries/ascii/mmcif_pdbx.dic 
# 
loop_
_database_2.database_id 
_database_2.database_code 
_database_2.pdbx_database_accession 
_database_2.pdbx_DOI 
PDB   6DIY         pdb_00006diy 10.2210/pdb6diy/pdb 
WWPDB D_1000234727 ?            ?                   
# 
loop_
_pdbx_audit_revision_history.ordinal 
_pdbx_audit_revision_history.data_content_type 
_pdbx_audit_revision_history.major_revision 
_pdbx_audit_revision_history.minor_revision 
_pdbx_audit_revision_history.revision_date 
1 'Structure model' 1 0 2018-10-31 
2 'Structure model' 1 1 2018-11-07 
3 'Structure model' 1 2 2019-01-02 
4 'Structure model' 1 3 2019-12-18 
5 'Structure model' 1 4 2024-03-13 
# 
_pdbx_audit_revision_details.ordinal             1 
_pdbx_audit_revision_details.revision_ordinal    1 
_pdbx_audit_revision_details.data_content_type   'Structure model' 
_pdbx_audit_revision_details.provider            repository 
_pdbx_audit_revision_details.type                'Initial release' 
_pdbx_audit_revision_details.description         ? 
_pdbx_audit_revision_details.details             ? 
# 
loop_
_pdbx_audit_revision_group.ordinal 
_pdbx_audit_revision_group.revision_ordinal 
_pdbx_audit_revision_group.data_content_type 
_pdbx_audit_revision_group.group 
1 2 'Structure model' 'Data collection'            
2 2 'Structure model' 'Database references'        
3 3 'Structure model' 'Data collection'            
4 3 'Structure model' 'Database references'        
5 4 'Structure model' 'Author supporting evidence' 
6 5 'Structure model' 'Data collection'            
7 5 'Structure model' 'Database references'        
# 
loop_
_pdbx_audit_revision_category.ordinal 
_pdbx_audit_revision_category.revision_ordinal 
_pdbx_audit_revision_category.data_content_type 
_pdbx_audit_revision_category.category 
1 2 'Structure model' citation           
2 2 'Structure model' citation_author    
3 3 'Structure model' citation           
4 4 'Structure model' pdbx_audit_support 
5 5 'Structure model' chem_comp_atom     
6 5 'Structure model' chem_comp_bond     
7 5 'Structure model' database_2         
# 
loop_
_pdbx_audit_revision_item.ordinal 
_pdbx_audit_revision_item.revision_ordinal 
_pdbx_audit_revision_item.data_content_type 
_pdbx_audit_revision_item.item 
1  2 'Structure model' '_citation.journal_abbrev'                 
2  2 'Structure model' '_citation.pdbx_database_id_DOI'           
3  2 'Structure model' '_citation.pdbx_database_id_PubMed'        
4  2 'Structure model' '_citation.title'                          
5  3 'Structure model' '_citation.journal_volume'                 
6  3 'Structure model' '_citation.page_first'                     
7  3 'Structure model' '_citation.page_last'                      
8  3 'Structure model' '_citation.title'                          
9  4 'Structure model' '_pdbx_audit_support.funding_organization' 
10 5 'Structure model' '_database_2.pdbx_DOI'                     
11 5 'Structure model' '_database_2.pdbx_database_accession'      
# 
_pdbx_database_status.status_code                     REL 
_pdbx_database_status.status_code_sf                  REL 
_pdbx_database_status.status_code_mr                  ? 
_pdbx_database_status.entry_id                        6DIY 
_pdbx_database_status.recvd_initial_deposition_date   2018-05-24 
_pdbx_database_status.SG_entry                        N 
_pdbx_database_status.deposit_site                    RCSB 
_pdbx_database_status.process_site                    RCSB 
_pdbx_database_status.status_code_cs                  ? 
_pdbx_database_status.methods_development_category    ? 
_pdbx_database_status.pdb_format_compatible           Y 
_pdbx_database_status.status_code_nmr_data            ? 
# 
_pdbx_database_related.db_name        PDB 
_pdbx_database_related.details        '6DIX contains the homologous region from another class of immunoglobulin' 
_pdbx_database_related.db_id          6DIX 
_pdbx_database_related.content_type   unspecified 
# 
loop_
_audit_author.name 
_audit_author.pdbx_ordinal 
_audit_author.identifier_ORCID 
'Brumshtein, B.'  1 ? 
'Esswein, S.R.'   2 ? 
'Sawaya, M.R.'    3 ? 
'Eisenberg, D.S.' 4 ? 
# 
_citation.abstract                  ? 
_citation.abstract_id_CAS           ? 
_citation.book_id_ISBN              ? 
_citation.book_publisher            ? 
_citation.book_publisher_city       ? 
_citation.book_title                ? 
_citation.coordinate_linkage        ? 
_citation.country                   US 
_citation.database_id_Medline       ? 
_citation.details                   ? 
_citation.id                        primary 
_citation.journal_abbrev            'J. Biol. Chem.' 
_citation.journal_id_ASTM           JBCHA3 
_citation.journal_id_CSD            0071 
_citation.journal_id_ISSN           1083-351X 
_citation.journal_full              ? 
_citation.journal_issue             ? 
_citation.journal_volume            293 
_citation.language                  ? 
_citation.page_first                19659 
_citation.page_last                 19671 
_citation.title                     
;Identification of two principal amyloid-driving segments in variable domains of Ig light chains in systemic light-chain amyloidosis.
;
_citation.year                      2018 
_citation.database_id_CSD           ? 
_citation.pdbx_database_id_DOI      10.1074/jbc.RA118.004142 
_citation.pdbx_database_id_PubMed   30355736 
_citation.unpublished_flag          ? 
# 
loop_
_citation_author.citation_id 
_citation_author.name 
_citation_author.ordinal 
_citation_author.identifier_ORCID 
primary 'Brumshtein, B.'  1 ?                   
primary 'Esswein, S.R.'   2 0000-0002-5142-0190 
primary 'Sawaya, M.R.'    3 ?                   
primary 'Rosenberg, G.'   4 ?                   
primary 'Ly, A.T.'        5 ?                   
primary 'Landau, M.'      6 ?                   
primary 'Eisenberg, D.S.' 7 0000-0003-2432-5419 
# 
loop_
_entity.id 
_entity.type 
_entity.src_method 
_entity.pdbx_description 
_entity.formula_weight 
_entity.pdbx_number_of_molecules 
_entity.pdbx_ec 
_entity.pdbx_mutation 
_entity.pdbx_fragment 
_entity.details 
1 polymer syn 'YTFGQ segment Light-Chain Variable Domain Kappa AL09' 614.647 1 ? ? ? ? 
2 water   nat water                                                  18.015  2 ? ? ? ? 
# 
_entity_poly.entity_id                      1 
_entity_poly.type                           'polypeptide(L)' 
_entity_poly.nstd_linkage                   no 
_entity_poly.nstd_monomer                   no 
_entity_poly.pdbx_seq_one_letter_code       YTFGQ 
_entity_poly.pdbx_seq_one_letter_code_can   YTFGQ 
_entity_poly.pdbx_strand_id                 A 
_entity_poly.pdbx_target_identifier         ? 
# 
_pdbx_entity_nonpoly.entity_id   2 
_pdbx_entity_nonpoly.name        water 
_pdbx_entity_nonpoly.comp_id     HOH 
# 
loop_
_entity_poly_seq.entity_id 
_entity_poly_seq.num 
_entity_poly_seq.mon_id 
_entity_poly_seq.hetero 
1 1 TYR n 
1 2 THR n 
1 3 PHE n 
1 4 GLY n 
1 5 GLN n 
# 
_pdbx_entity_src_syn.entity_id              1 
_pdbx_entity_src_syn.pdbx_src_id            1 
_pdbx_entity_src_syn.pdbx_alt_source_flag   sample 
_pdbx_entity_src_syn.pdbx_beg_seq_num       1 
_pdbx_entity_src_syn.pdbx_end_seq_num       5 
_pdbx_entity_src_syn.organism_scientific    'Homo sapiens' 
_pdbx_entity_src_syn.organism_common_name   ? 
_pdbx_entity_src_syn.ncbi_taxonomy_id       9606 
_pdbx_entity_src_syn.details                ? 
# 
loop_
_chem_comp.id 
_chem_comp.type 
_chem_comp.mon_nstd_flag 
_chem_comp.name 
_chem_comp.pdbx_synonyms 
_chem_comp.formula 
_chem_comp.formula_weight 
GLN 'L-peptide linking' y GLUTAMINE     ? 'C5 H10 N2 O3' 146.144 
GLY 'peptide linking'   y GLYCINE       ? 'C2 H5 N O2'   75.067  
HOH non-polymer         . WATER         ? 'H2 O'         18.015  
PHE 'L-peptide linking' y PHENYLALANINE ? 'C9 H11 N O2'  165.189 
THR 'L-peptide linking' y THREONINE     ? 'C4 H9 N O3'   119.119 
TYR 'L-peptide linking' y TYROSINE      ? 'C9 H11 N O3'  181.189 
# 
loop_
_pdbx_poly_seq_scheme.asym_id 
_pdbx_poly_seq_scheme.entity_id 
_pdbx_poly_seq_scheme.seq_id 
_pdbx_poly_seq_scheme.mon_id 
_pdbx_poly_seq_scheme.ndb_seq_num 
_pdbx_poly_seq_scheme.pdb_seq_num 
_pdbx_poly_seq_scheme.auth_seq_num 
_pdbx_poly_seq_scheme.pdb_mon_id 
_pdbx_poly_seq_scheme.auth_mon_id 
_pdbx_poly_seq_scheme.pdb_strand_id 
_pdbx_poly_seq_scheme.pdb_ins_code 
_pdbx_poly_seq_scheme.hetero 
A 1 1 TYR 1 96  96  TYR TYR A . n 
A 1 2 THR 2 97  97  THR THR A . n 
A 1 3 PHE 3 98  98  PHE PHE A . n 
A 1 4 GLY 4 99  99  GLY GLY A . n 
A 1 5 GLN 5 100 100 GLN GLN A . n 
# 
loop_
_pdbx_nonpoly_scheme.asym_id 
_pdbx_nonpoly_scheme.entity_id 
_pdbx_nonpoly_scheme.mon_id 
_pdbx_nonpoly_scheme.ndb_seq_num 
_pdbx_nonpoly_scheme.pdb_seq_num 
_pdbx_nonpoly_scheme.auth_seq_num 
_pdbx_nonpoly_scheme.pdb_mon_id 
_pdbx_nonpoly_scheme.auth_mon_id 
_pdbx_nonpoly_scheme.pdb_strand_id 
_pdbx_nonpoly_scheme.pdb_ins_code 
B 2 HOH 1 201 1 HOH HOH A . 
B 2 HOH 2 202 2 HOH HOH A . 
# 
loop_
_software.citation_id 
_software.classification 
_software.compiler_name 
_software.compiler_version 
_software.contact_author 
_software.contact_author_email 
_software.date 
_software.description 
_software.dependencies 
_software.hardware 
_software.language 
_software.location 
_software.mods 
_software.name 
_software.os 
_software.os_version 
_software.type 
_software.version 
_software.pdbx_ordinal 
? 'data reduction'  ? ? ? ? ? ? ? ? ? ? ? XDS         ? ? ? .    1 
? 'data scaling'    ? ? ? ? ? ? ? ? ? ? ? XSCALE      ? ? ? .    2 
? refinement        ? ? ? ? ? ? ? ? ? ? ? REFMAC      ? ? ? .    3 
? 'data extraction' ? ? ? ? ? ? ? ? ? ? ? PDB_EXTRACT ? ? ? 3.24 4 
? phasing           ? ? ? ? ? ? ? ? ? ? ? SHELXD      ? ? ? .    5 
# 
_cell.angle_alpha                  90.000 
_cell.angle_alpha_esd              ? 
_cell.angle_beta                   104.950 
_cell.angle_beta_esd               ? 
_cell.angle_gamma                  90.000 
_cell.angle_gamma_esd              ? 
_cell.entry_id                     6DIY 
_cell.details                      ? 
_cell.formula_units_Z              ? 
_cell.length_a                     36.780 
_cell.length_a_esd                 ? 
_cell.length_b                     4.810 
_cell.length_b_esd                 ? 
_cell.length_c                     18.910 
_cell.length_c_esd                 ? 
_cell.volume                       ? 
_cell.volume_esd                   ? 
_cell.Z_PDB                        4 
_cell.reciprocal_angle_alpha       ? 
_cell.reciprocal_angle_beta        ? 
_cell.reciprocal_angle_gamma       ? 
_cell.reciprocal_angle_alpha_esd   ? 
_cell.reciprocal_angle_beta_esd    ? 
_cell.reciprocal_angle_gamma_esd   ? 
_cell.reciprocal_length_a          ? 
_cell.reciprocal_length_b          ? 
_cell.reciprocal_length_c          ? 
_cell.reciprocal_length_a_esd      ? 
_cell.reciprocal_length_b_esd      ? 
_cell.reciprocal_length_c_esd      ? 
_cell.pdbx_unique_axis             ? 
# 
_symmetry.entry_id                         6DIY 
_symmetry.cell_setting                     ? 
_symmetry.Int_Tables_number                5 
_symmetry.space_group_name_Hall            ? 
_symmetry.space_group_name_H-M             'C 1 2 1' 
_symmetry.pdbx_full_space_group_name_H-M   ? 
# 
_exptl.absorpt_coefficient_mu     ? 
_exptl.absorpt_correction_T_max   ? 
_exptl.absorpt_correction_T_min   ? 
_exptl.absorpt_correction_type    ? 
_exptl.absorpt_process_details    ? 
_exptl.entry_id                   6DIY 
_exptl.crystals_number            1 
_exptl.details                    ? 
_exptl.method                     'X-RAY DIFFRACTION' 
_exptl.method_details             ? 
# 
_exptl_crystal.colour                      ? 
_exptl_crystal.density_diffrn              ? 
_exptl_crystal.density_Matthews            1.31 
_exptl_crystal.density_method              ? 
_exptl_crystal.density_percent_sol         6.44 
_exptl_crystal.description                 ? 
_exptl_crystal.F_000                       ? 
_exptl_crystal.id                          1 
_exptl_crystal.preparation                 ? 
_exptl_crystal.size_max                    ? 
_exptl_crystal.size_mid                    ? 
_exptl_crystal.size_min                    ? 
_exptl_crystal.size_rad                    ? 
_exptl_crystal.colour_lustre               ? 
_exptl_crystal.colour_modifier             ? 
_exptl_crystal.colour_primary              ? 
_exptl_crystal.density_meas                ? 
_exptl_crystal.density_meas_esd            ? 
_exptl_crystal.density_meas_gt             ? 
_exptl_crystal.density_meas_lt             ? 
_exptl_crystal.density_meas_temp           ? 
_exptl_crystal.density_meas_temp_esd       ? 
_exptl_crystal.density_meas_temp_gt        ? 
_exptl_crystal.density_meas_temp_lt        ? 
_exptl_crystal.pdbx_crystal_image_url      ? 
_exptl_crystal.pdbx_crystal_image_format   ? 
_exptl_crystal.pdbx_mosaicity              ? 
_exptl_crystal.pdbx_mosaicity_esd          ? 
# 
_exptl_crystal_grow.apparatus       ? 
_exptl_crystal_grow.atmosphere      ? 
_exptl_crystal_grow.crystal_id      1 
_exptl_crystal_grow.details         ? 
_exptl_crystal_grow.method          'VAPOR DIFFUSION, HANGING DROP' 
_exptl_crystal_grow.method_ref      ? 
_exptl_crystal_grow.pH              7.0 
_exptl_crystal_grow.pressure        ? 
_exptl_crystal_grow.pressure_esd    ? 
_exptl_crystal_grow.seeding         ? 
_exptl_crystal_grow.seeding_ref     ? 
_exptl_crystal_grow.temp            293 
_exptl_crystal_grow.temp_details    ? 
_exptl_crystal_grow.temp_esd        ? 
_exptl_crystal_grow.time            ? 
_exptl_crystal_grow.pdbx_details    '0.1 M Bis-Tris propane, 2.8 M Sodium Acetate' 
_exptl_crystal_grow.pdbx_pH_range   ? 
# 
_diffrn.ambient_environment    ? 
_diffrn.ambient_temp           100 
_diffrn.ambient_temp_details   ? 
_diffrn.ambient_temp_esd       ? 
_diffrn.crystal_id             1 
_diffrn.crystal_support        ? 
_diffrn.crystal_treatment      ? 
_diffrn.details                ? 
_diffrn.id                     1 
_diffrn.ambient_pressure       ? 
_diffrn.ambient_pressure_esd   ? 
_diffrn.ambient_pressure_gt    ? 
_diffrn.ambient_pressure_lt    ? 
_diffrn.ambient_temp_gt        ? 
_diffrn.ambient_temp_lt        ? 
# 
_diffrn_detector.details                      ? 
_diffrn_detector.detector                     PIXEL 
_diffrn_detector.diffrn_id                    1 
_diffrn_detector.type                         'DECTRIS PILATUS 6M-F' 
_diffrn_detector.area_resol_mean              ? 
_diffrn_detector.dtime                        ? 
_diffrn_detector.pdbx_frames_total            ? 
_diffrn_detector.pdbx_collection_time_total   ? 
_diffrn_detector.pdbx_collection_date         2015-11-06 
# 
_diffrn_radiation.collimation                      ? 
_diffrn_radiation.diffrn_id                        1 
_diffrn_radiation.filter_edge                      ? 
_diffrn_radiation.inhomogeneity                    ? 
_diffrn_radiation.monochromator                    'Cryo-cooled-double crystal' 
_diffrn_radiation.polarisn_norm                    ? 
_diffrn_radiation.polarisn_ratio                   ? 
_diffrn_radiation.probe                            ? 
_diffrn_radiation.type                             ? 
_diffrn_radiation.xray_symbol                      ? 
_diffrn_radiation.wavelength_id                    1 
_diffrn_radiation.pdbx_monochromatic_or_laue_m_l   M 
_diffrn_radiation.pdbx_wavelength_list             ? 
_diffrn_radiation.pdbx_wavelength                  ? 
_diffrn_radiation.pdbx_diffrn_protocol             'SINGLE WAVELENGTH' 
_diffrn_radiation.pdbx_analyzer                    ? 
_diffrn_radiation.pdbx_scattering_type             x-ray 
# 
_diffrn_radiation_wavelength.id           1 
_diffrn_radiation_wavelength.wavelength   0.885600 
_diffrn_radiation_wavelength.wt           1.0 
# 
_diffrn_source.current                     ? 
_diffrn_source.details                     ? 
_diffrn_source.diffrn_id                   1 
_diffrn_source.power                       ? 
_diffrn_source.size                        ? 
_diffrn_source.source                      SYNCHROTRON 
_diffrn_source.target                      ? 
_diffrn_source.type                        'APS BEAMLINE 24-ID-C' 
_diffrn_source.voltage                     ? 
_diffrn_source.take-off_angle              ? 
_diffrn_source.pdbx_wavelength_list        0.885600 
_diffrn_source.pdbx_wavelength             ? 
_diffrn_source.pdbx_synchrotron_beamline   24-ID-C 
_diffrn_source.pdbx_synchrotron_site       APS 
# 
_reflns.B_iso_Wilson_estimate            7.310 
_reflns.entry_id                         6DIY 
_reflns.data_reduction_details           ? 
_reflns.data_reduction_method            ? 
_reflns.d_resolution_high                0.890 
_reflns.d_resolution_low                 18.270 
_reflns.details                          ? 
_reflns.limit_h_max                      ? 
_reflns.limit_h_min                      ? 
_reflns.limit_k_max                      ? 
_reflns.limit_k_min                      ? 
_reflns.limit_l_max                      ? 
_reflns.limit_l_min                      ? 
_reflns.number_all                       ? 
_reflns.number_obs                       2477 
_reflns.observed_criterion               ? 
_reflns.observed_criterion_F_max         ? 
_reflns.observed_criterion_F_min         ? 
_reflns.observed_criterion_I_max         ? 
_reflns.observed_criterion_I_min         ? 
_reflns.observed_criterion_sigma_F       ? 
_reflns.observed_criterion_sigma_I       ? 
_reflns.percent_possible_obs             90.700 
_reflns.R_free_details                   ? 
_reflns.Rmerge_F_all                     ? 
_reflns.Rmerge_F_obs                     ? 
_reflns.Friedel_coverage                 ? 
_reflns.number_gt                        ? 
_reflns.threshold_expression             ? 
_reflns.pdbx_redundancy                  5.104 
_reflns.pdbx_Rmerge_I_obs                0.062 
_reflns.pdbx_Rmerge_I_all                ? 
_reflns.pdbx_Rsym_value                  ? 
_reflns.pdbx_netI_over_av_sigmaI         ? 
_reflns.pdbx_netI_over_sigmaI            14.110 
_reflns.pdbx_res_netI_over_av_sigmaI_2   ? 
_reflns.pdbx_res_netI_over_sigmaI_2      ? 
_reflns.pdbx_chi_squared                 0.977 
_reflns.pdbx_scaling_rejects             ? 
_reflns.pdbx_d_res_high_opt              ? 
_reflns.pdbx_d_res_low_opt               ? 
_reflns.pdbx_d_res_opt_method            ? 
_reflns.phase_calculation_details        ? 
_reflns.pdbx_Rrim_I_all                  0.068 
_reflns.pdbx_Rpim_I_all                  ? 
_reflns.pdbx_d_opt                       ? 
_reflns.pdbx_number_measured_all         12642 
_reflns.pdbx_diffrn_id                   1 
_reflns.pdbx_ordinal                     1 
_reflns.pdbx_CC_half                     0.999 
_reflns.pdbx_R_split                     ? 
# 
loop_
_reflns_shell.d_res_high 
_reflns_shell.d_res_low 
_reflns_shell.meanI_over_sigI_all 
_reflns_shell.meanI_over_sigI_obs 
_reflns_shell.number_measured_all 
_reflns_shell.number_measured_obs 
_reflns_shell.number_possible 
_reflns_shell.number_unique_all 
_reflns_shell.number_unique_obs 
_reflns_shell.percent_possible_all 
_reflns_shell.percent_possible_obs 
_reflns_shell.Rmerge_F_all 
_reflns_shell.Rmerge_F_obs 
_reflns_shell.Rmerge_I_all 
_reflns_shell.Rmerge_I_obs 
_reflns_shell.meanI_over_sigI_gt 
_reflns_shell.meanI_over_uI_all 
_reflns_shell.meanI_over_uI_gt 
_reflns_shell.number_measured_gt 
_reflns_shell.number_unique_gt 
_reflns_shell.percent_possible_gt 
_reflns_shell.Rmerge_F_gt 
_reflns_shell.Rmerge_I_gt 
_reflns_shell.pdbx_redundancy 
_reflns_shell.pdbx_Rsym_value 
_reflns_shell.pdbx_chi_squared 
_reflns_shell.pdbx_netI_over_sigmaI_all 
_reflns_shell.pdbx_netI_over_sigmaI_obs 
_reflns_shell.pdbx_Rrim_I_all 
_reflns_shell.pdbx_Rpim_I_all 
_reflns_shell.pdbx_rejects 
_reflns_shell.pdbx_ordinal 
_reflns_shell.pdbx_diffrn_id 
_reflns_shell.pdbx_CC_half 
_reflns_shell.pdbx_R_split 
0.890 0.920  ? 3.150  ? ? ? ? 103 49.800  ? ? ? ? 0.218 ? ? ? ? ? ? ? ? 3.000 ? ? ? ? 0.258 ? ? 1  1 0.942 ? 
0.920 0.940  ? 4.070  ? ? ? ? 120 63.500  ? ? ? ? 0.233 ? ? ? ? ? ? ? ? 3.750 ? ? ? ? 0.270 ? ? 2  1 0.954 ? 
0.940 0.970  ? 5.590  ? ? ? ? 160 82.500  ? ? ? ? 0.247 ? ? ? ? ? ? ? ? 4.963 ? ? ? ? 0.276 ? ? 3  1 0.969 ? 
0.970 1.000  ? 7.150  ? ? ? ? 171 99.400  ? ? ? ? 0.175 ? ? ? ? ? ? ? ? 5.520 ? ? ? ? 0.193 ? ? 4  1 0.990 ? 
1.000 1.030  ? 9.110  ? ? ? ? 164 98.200  ? ? ? ? 0.163 ? ? ? ? ? ? ? ? 5.409 ? ? ? ? 0.180 ? ? 5  1 0.980 ? 
1.030 1.070  ? 11.490 ? ? ? ? 155 98.100  ? ? ? ? 0.115 ? ? ? ? ? ? ? ? 5.374 ? ? ? ? 0.127 ? ? 6  1 0.991 ? 
1.070 1.110  ? 12.460 ? ? ? ? 164 97.000  ? ? ? ? 0.110 ? ? ? ? ? ? ? ? 5.555 ? ? ? ? 0.121 ? ? 7  1 0.994 ? 
1.110 1.150  ? 14.190 ? ? ? ? 168 100.000 ? ? ? ? 0.088 ? ? ? ? ? ? ? ? 5.202 ? ? ? ? 0.098 ? ? 8  1 0.996 ? 
1.150 1.200  ? 13.810 ? ? ? ? 153 95.600  ? ? ? ? 0.086 ? ? ? ? ? ? ? ? 5.196 ? ? ? ? 0.095 ? ? 9  1 0.998 ? 
1.200 1.260  ? 14.650 ? ? ? ? 137 97.900  ? ? ? ? 0.080 ? ? ? ? ? ? ? ? 5.474 ? ? ? ? 0.088 ? ? 10 1 0.997 ? 
1.260 1.330  ? 15.440 ? ? ? ? 135 100.000 ? ? ? ? 0.077 ? ? ? ? ? ? ? ? 5.511 ? ? ? ? 0.085 ? ? 11 1 0.998 ? 
1.330 1.410  ? 15.860 ? ? ? ? 131 97.800  ? ? ? ? 0.081 ? ? ? ? ? ? ? ? 5.076 ? ? ? ? 0.090 ? ? 12 1 0.993 ? 
1.410 1.510  ? 18.670 ? ? ? ? 122 97.600  ? ? ? ? 0.068 ? ? ? ? ? ? ? ? 5.557 ? ? ? ? 0.075 ? ? 13 1 0.997 ? 
1.510 1.630  ? 20.210 ? ? ? ? 124 99.200  ? ? ? ? 0.061 ? ? ? ? ? ? ? ? 5.258 ? ? ? ? 0.068 ? ? 14 1 0.997 ? 
1.630 1.780  ? 21.170 ? ? ? ? 105 100.000 ? ? ? ? 0.066 ? ? ? ? ? ? ? ? 5.267 ? ? ? ? 0.072 ? ? 15 1 0.994 ? 
1.780 1.990  ? 23.260 ? ? ? ? 91  93.800  ? ? ? ? 0.054 ? ? ? ? ? ? ? ? 5.099 ? ? ? ? 0.059 ? ? 16 1 0.998 ? 
1.990 2.300  ? 24.740 ? ? ? ? 101 97.100  ? ? ? ? 0.050 ? ? ? ? ? ? ? ? 5.139 ? ? ? ? 0.055 ? ? 17 1 0.998 ? 
2.300 2.820  ? 24.690 ? ? ? ? 73  100.000 ? ? ? ? 0.042 ? ? ? ? ? ? ? ? 4.836 ? ? ? ? 0.047 ? ? 18 1 0.999 ? 
2.820 3.990  ? 26.070 ? ? ? ? 57  87.700  ? ? ? ? 0.048 ? ? ? ? ? ? ? ? 4.842 ? ? ? ? 0.053 ? ? 19 1 0.999 ? 
3.990 18.270 ? 26.150 ? ? ? ? 43  97.700  ? ? ? ? 0.039 ? ? ? ? ? ? ? ? 4.442 ? ? ? ? 0.043 ? ? 20 1 0.999 ? 
# 
_refine.aniso_B[1][1]                            -0.2300 
_refine.aniso_B[1][2]                            0.0000 
_refine.aniso_B[1][3]                            0.0100 
_refine.aniso_B[2][2]                            -0.0200 
_refine.aniso_B[2][3]                            -0.0000 
_refine.aniso_B[3][3]                            0.2100 
_refine.B_iso_max                                33.040 
_refine.B_iso_mean                               5.2360 
_refine.B_iso_min                                2.450 
_refine.correlation_coeff_Fo_to_Fc               0.9910 
_refine.correlation_coeff_Fo_to_Fc_free          0.9870 
_refine.details                                  
'HYDROGENS HAVE BEEN USED IF PRESENT IN THE INPUT U VALUES      : REFINED INDIVIDUALLY' 
_refine.diff_density_max                         ? 
_refine.diff_density_max_esd                     ? 
_refine.diff_density_min                         ? 
_refine.diff_density_min_esd                     ? 
_refine.diff_density_rms                         ? 
_refine.diff_density_rms_esd                     ? 
_refine.entry_id                                 6DIY 
_refine.pdbx_refine_id                           'X-RAY DIFFRACTION' 
_refine.ls_abs_structure_details                 ? 
_refine.ls_abs_structure_Flack                   ? 
_refine.ls_abs_structure_Flack_esd               ? 
_refine.ls_abs_structure_Rogers                  ? 
_refine.ls_abs_structure_Rogers_esd              ? 
_refine.ls_d_res_high                            0.9000 
_refine.ls_d_res_low                             18.2700 
_refine.ls_extinction_coef                       ? 
_refine.ls_extinction_coef_esd                   ? 
_refine.ls_extinction_expression                 ? 
_refine.ls_extinction_method                     ? 
_refine.ls_goodness_of_fit_all                   ? 
_refine.ls_goodness_of_fit_all_esd               ? 
_refine.ls_goodness_of_fit_obs                   ? 
_refine.ls_goodness_of_fit_obs_esd               ? 
_refine.ls_hydrogen_treatment                    ? 
_refine.ls_matrix_type                           ? 
_refine.ls_number_constraints                    ? 
_refine.ls_number_parameters                     ? 
_refine.ls_number_reflns_all                     ? 
_refine.ls_number_reflns_obs                     2228 
_refine.ls_number_reflns_R_free                  248 
_refine.ls_number_reflns_R_work                  ? 
_refine.ls_number_restraints                     ? 
_refine.ls_percent_reflns_obs                    90.8300 
_refine.ls_percent_reflns_R_free                 10.0000 
_refine.ls_R_factor_all                          ? 
_refine.ls_R_factor_obs                          0.0993 
_refine.ls_R_factor_R_free                       0.1198 
_refine.ls_R_factor_R_free_error                 ? 
_refine.ls_R_factor_R_free_error_details         ? 
_refine.ls_R_factor_R_work                       0.0971 
_refine.ls_R_Fsqd_factor_obs                     ? 
_refine.ls_R_I_factor_obs                        ? 
_refine.ls_redundancy_reflns_all                 ? 
_refine.ls_redundancy_reflns_obs                 ? 
_refine.ls_restrained_S_all                      ? 
_refine.ls_restrained_S_obs                      ? 
_refine.ls_shift_over_esd_max                    ? 
_refine.ls_shift_over_esd_mean                   ? 
_refine.ls_structure_factor_coef                 ? 
_refine.ls_weighting_details                     ? 
_refine.ls_weighting_scheme                      ? 
_refine.ls_wR_factor_all                         ? 
_refine.ls_wR_factor_obs                         ? 
_refine.ls_wR_factor_R_free                      ? 
_refine.ls_wR_factor_R_work                      ? 
_refine.occupancy_max                            ? 
_refine.occupancy_min                            ? 
_refine.solvent_model_details                    ? 
_refine.solvent_model_param_bsol                 ? 
_refine.solvent_model_param_ksol                 ? 
_refine.ls_R_factor_gt                           ? 
_refine.ls_goodness_of_fit_gt                    ? 
_refine.ls_goodness_of_fit_ref                   ? 
_refine.ls_shift_over_su_max                     ? 
_refine.ls_shift_over_su_max_lt                  ? 
_refine.ls_shift_over_su_mean                    ? 
_refine.ls_shift_over_su_mean_lt                 ? 
_refine.pdbx_ls_sigma_I                          ? 
_refine.pdbx_ls_sigma_F                          0.000 
_refine.pdbx_ls_sigma_Fsqd                       ? 
_refine.pdbx_data_cutoff_high_absF               ? 
_refine.pdbx_data_cutoff_high_rms_absF           ? 
_refine.pdbx_data_cutoff_low_absF                ? 
_refine.pdbx_isotropic_thermal_model             ? 
_refine.pdbx_ls_cross_valid_method               THROUGHOUT 
_refine.pdbx_method_to_determine_struct          'AB INITIO PHASING' 
_refine.pdbx_starting_model                      'NO Starting model, We used DIRECT METHODS' 
_refine.pdbx_stereochemistry_target_values       ? 
_refine.pdbx_R_Free_selection_details            RANDOM 
_refine.pdbx_stereochem_target_val_spec_case     ? 
_refine.pdbx_overall_ESU_R                       0.0160 
_refine.pdbx_overall_ESU_R_Free                  0.0180 
_refine.pdbx_solvent_vdw_probe_radii             1.2000 
_refine.pdbx_solvent_ion_probe_radii             0.8000 
_refine.pdbx_solvent_shrinkage_radii             0.8000 
_refine.pdbx_real_space_R                        ? 
_refine.pdbx_density_correlation                 ? 
_refine.pdbx_pd_number_of_powder_patterns        ? 
_refine.pdbx_pd_number_of_points                 ? 
_refine.pdbx_pd_meas_number_of_points            ? 
_refine.pdbx_pd_proc_ls_prof_R_factor            ? 
_refine.pdbx_pd_proc_ls_prof_wR_factor           ? 
_refine.pdbx_pd_Marquardt_correlation_coeff      ? 
_refine.pdbx_pd_Fsqrd_R_factor                   ? 
_refine.pdbx_pd_ls_matrix_band_width             ? 
_refine.pdbx_overall_phase_error                 ? 
_refine.pdbx_overall_SU_R_free_Cruickshank_DPI   ? 
_refine.pdbx_overall_SU_R_free_Blow_DPI          ? 
_refine.pdbx_overall_SU_R_Blow_DPI               ? 
_refine.pdbx_TLS_residual_ADP_flag               ? 
_refine.pdbx_diffrn_id                           1 
_refine.overall_SU_B                             0.4290 
_refine.overall_SU_ML                            0.0110 
_refine.overall_SU_R_Cruickshank_DPI             0.0161 
_refine.overall_SU_R_free                        ? 
_refine.overall_FOM_free_R_set                   ? 
_refine.overall_FOM_work_R_set                   ? 
_refine.pdbx_average_fsc_overall                 ? 
_refine.pdbx_average_fsc_work                    ? 
_refine.pdbx_average_fsc_free                    ? 
# 
_refine_hist.cycle_id                         final 
_refine_hist.pdbx_refine_id                   'X-RAY DIFFRACTION' 
_refine_hist.d_res_high                       0.9000 
_refine_hist.d_res_low                        18.2700 
_refine_hist.pdbx_number_atoms_ligand         13 
_refine_hist.number_atoms_solvent             2 
_refine_hist.number_atoms_total               59 
_refine_hist.pdbx_number_residues_total       5 
_refine_hist.pdbx_B_iso_mean_ligand           7.43 
_refine_hist.pdbx_B_iso_mean_solvent          23.32 
_refine_hist.pdbx_number_atoms_protein        44 
_refine_hist.pdbx_number_atoms_nucleic_acid   0 
# 
loop_
_refine_ls_restr.pdbx_refine_id 
_refine_ls_restr.criterion 
_refine_ls_restr.dev_ideal 
_refine_ls_restr.dev_ideal_target 
_refine_ls_restr.number 
_refine_ls_restr.rejects 
_refine_ls_restr.type 
_refine_ls_restr.weight 
_refine_ls_restr.pdbx_restraint_function 
'X-RAY DIFFRACTION' ? 0.013 0.020  50 ? r_bond_refined_d       ? ? 
'X-RAY DIFFRACTION' ? 0.002 0.020  39 ? r_bond_other_d         ? ? 
'X-RAY DIFFRACTION' ? 1.438 1.898  65 ? r_angle_refined_deg    ? ? 
'X-RAY DIFFRACTION' ? 0.684 3.000  88 ? r_angle_other_deg      ? ? 
'X-RAY DIFFRACTION' ? 4.457 5.000  4  ? r_dihedral_angle_1_deg ? ? 
'X-RAY DIFFRACTION' ? 9.694 23.333 3  ? r_dihedral_angle_2_deg ? ? 
'X-RAY DIFFRACTION' ? 5.077 15.000 5  ? r_dihedral_angle_3_deg ? ? 
'X-RAY DIFFRACTION' ? 0.161 0.200  5  ? r_chiral_restr         ? ? 
'X-RAY DIFFRACTION' ? 0.007 0.020  59 ? r_gen_planes_refined   ? ? 
'X-RAY DIFFRACTION' ? 0.001 0.020  17 ? r_gen_planes_other     ? ? 
'X-RAY DIFFRACTION' ? 1.090 3.000  89 ? r_rigid_bond_restr     ? ? 
'X-RAY DIFFRACTION' ? 7.013 5.000  92 ? r_sphericity_bonded    ? ? 
# 
_refine_ls_shell.pdbx_refine_id                   'X-RAY DIFFRACTION' 
_refine_ls_shell.d_res_high                       0.8920 
_refine_ls_shell.d_res_low                        0.9150 
_refine_ls_shell.number_reflns_all                102 
_refine_ls_shell.number_reflns_obs                ? 
_refine_ls_shell.number_reflns_R_free             10 
_refine_ls_shell.number_reflns_R_work             92 
_refine_ls_shell.percent_reflns_obs               48.8000 
_refine_ls_shell.percent_reflns_R_free            ? 
_refine_ls_shell.R_factor_all                     ? 
_refine_ls_shell.R_factor_obs                     ? 
_refine_ls_shell.R_factor_R_free                  0.4910 
_refine_ls_shell.R_factor_R_free_error            0.0000 
_refine_ls_shell.R_factor_R_work                  0.2550 
_refine_ls_shell.redundancy_reflns_all            ? 
_refine_ls_shell.redundancy_reflns_obs            ? 
_refine_ls_shell.wR_factor_all                    ? 
_refine_ls_shell.wR_factor_obs                    ? 
_refine_ls_shell.wR_factor_R_free                 ? 
_refine_ls_shell.wR_factor_R_work                 ? 
_refine_ls_shell.pdbx_total_number_of_bins_used   20 
_refine_ls_shell.pdbx_phase_error                 ? 
_refine_ls_shell.pdbx_fsc_work                    ? 
_refine_ls_shell.pdbx_fsc_free                    ? 
# 
_struct.entry_id                     6DIY 
_struct.title                        
'YTFGQ segment from Human Immunoglobulin Light-Chain Variable Domain, Residues 96-100, assembled as an amyloid fibril' 
_struct.pdbx_model_details           'amyloid fibril' 
_struct.pdbx_formula_weight          ? 
_struct.pdbx_formula_weight_method   ? 
_struct.pdbx_model_type_details      ? 
_struct.pdbx_CASP_flag               N 
# 
_struct_keywords.entry_id        6DIY 
_struct_keywords.text            'amyloid fibril, PROTEIN FIBRIL' 
_struct_keywords.pdbx_keywords   'PROTEIN FIBRIL' 
# 
loop_
_struct_asym.id 
_struct_asym.pdbx_blank_PDB_chainid_flag 
_struct_asym.pdbx_modified 
_struct_asym.entity_id 
_struct_asym.details 
A N N 1 ? 
B N N 2 ? 
# 
_struct_ref.id                         1 
_struct_ref.db_name                    PDB 
_struct_ref.db_code                    6DIY 
_struct_ref.pdbx_db_accession          6DIY 
_struct_ref.pdbx_db_isoform            ? 
_struct_ref.entity_id                  1 
_struct_ref.pdbx_seq_one_letter_code   ? 
_struct_ref.pdbx_align_begin           1 
# 
_struct_ref_seq.align_id                      1 
_struct_ref_seq.ref_id                        1 
_struct_ref_seq.pdbx_PDB_id_code              6DIY 
_struct_ref_seq.pdbx_strand_id                A 
_struct_ref_seq.seq_align_beg                 1 
_struct_ref_seq.pdbx_seq_align_beg_ins_code   ? 
_struct_ref_seq.seq_align_end                 5 
_struct_ref_seq.pdbx_seq_align_end_ins_code   ? 
_struct_ref_seq.pdbx_db_accession             6DIY 
_struct_ref_seq.db_align_beg                  96 
_struct_ref_seq.pdbx_db_align_beg_ins_code    ? 
_struct_ref_seq.db_align_end                  100 
_struct_ref_seq.pdbx_db_align_end_ins_code    ? 
_struct_ref_seq.pdbx_auth_seq_align_beg       96 
_struct_ref_seq.pdbx_auth_seq_align_end       100 
# 
_pdbx_struct_assembly.id                   1 
_pdbx_struct_assembly.details              author_defined_assembly 
_pdbx_struct_assembly.method_details       ? 
_pdbx_struct_assembly.oligomeric_details   octameric 
_pdbx_struct_assembly.oligomeric_count     8 
# 
_pdbx_struct_assembly_gen.assembly_id       1 
_pdbx_struct_assembly_gen.oper_expression   1,2,3,4,5,6,7,8 
_pdbx_struct_assembly_gen.asym_id_list      A,B 
# 
_pdbx_struct_assembly_auth_evidence.id                     1 
_pdbx_struct_assembly_auth_evidence.assembly_id            1 
_pdbx_struct_assembly_auth_evidence.experimental_support   none 
_pdbx_struct_assembly_auth_evidence.details                ? 
# 
loop_
_pdbx_struct_oper_list.id 
_pdbx_struct_oper_list.type 
_pdbx_struct_oper_list.name 
_pdbx_struct_oper_list.symmetry_operation 
_pdbx_struct_oper_list.matrix[1][1] 
_pdbx_struct_oper_list.matrix[1][2] 
_pdbx_struct_oper_list.matrix[1][3] 
_pdbx_struct_oper_list.vector[1] 
_pdbx_struct_oper_list.matrix[2][1] 
_pdbx_struct_oper_list.matrix[2][2] 
_pdbx_struct_oper_list.matrix[2][3] 
_pdbx_struct_oper_list.vector[2] 
_pdbx_struct_oper_list.matrix[3][1] 
_pdbx_struct_oper_list.matrix[3][2] 
_pdbx_struct_oper_list.matrix[3][3] 
_pdbx_struct_oper_list.vector[3] 
1 'identity operation'         1_555 x,y,z           1.0000000000  0.0000000000  0.0000000000  0.0000000000  0.0000000000  1.0000000000 0.0000000000 0.0000000000  0.0000000000  0.0000000000 1.0000000000  0.0000000000  
2 'crystal symmetry operation' 1_535 x,y-2,z         1.0000000000  0.0000000000  0.0000000000  -1.6926021883 0.0000000000  1.0000000000 0.0000000000 8.6796800794  0.0000000000  0.0000000000 1.0000000000  3.7871693323  
3 'crystal symmetry operation' 1_545 x,y-1,z         1.0000000000  0.0000000000  0.0000000000  -0.8463010941 0.0000000000  1.0000000000 0.0000000000 4.3398400397  0.0000000000  0.0000000000 1.0000000000  1.8935846662  
4 'crystal symmetry operation' 1_565 x,y+1,z         1.0000000000  0.0000000000  0.0000000000  0.8463010941  0.0000000000  1.0000000000 0.0000000000 -4.3398400397 0.0000000000  0.0000000000 1.0000000000  -1.8935846662 
5 'crystal symmetry operation' 4_555 -x+1/2,y+1/2,-z -0.9380858881 -0.3174961531 -0.1385317988 6.9187888151  -0.3174961531 0.6281232853 0.7103923784 -2.0255030046 -0.1385317988 0.7103923784 -0.6900373971 1.6253234616  
6 'crystal symmetry operation' 4_565 -x+1/2,y+3/2,-z -0.9380858881 -0.3174961531 -0.1385317988 7.7650899092  -0.3174961531 0.6281232853 0.7103923784 -6.3653430443 -0.1385317988 0.7103923784 -0.6900373971 -0.2682612046 
7 'crystal symmetry operation' 4_545 -x+1/2,y-1/2,-z -0.9380858881 -0.3174961531 -0.1385317988 6.0724877210  -0.3174961531 0.6281232853 0.7103923784 2.3143370351  -0.1385317988 0.7103923784 -0.6900373971 3.5189081277  
8 'crystal symmetry operation' 4_535 -x+1/2,y-3/2,-z -0.9380858881 -0.3174961531 -0.1385317988 5.2261866268  -0.3174961531 0.6281232853 0.7103923784 6.6541770748  -0.1385317988 0.7103923784 -0.6900373971 5.4124927939 
# 
loop_
_pdbx_validate_rmsd_bond.id 
_pdbx_validate_rmsd_bond.PDB_model_num 
_pdbx_validate_rmsd_bond.auth_atom_id_1 
_pdbx_validate_rmsd_bond.auth_asym_id_1 
_pdbx_validate_rmsd_bond.auth_comp_id_1 
_pdbx_validate_rmsd_bond.auth_seq_id_1 
_pdbx_validate_rmsd_bond.PDB_ins_code_1 
_pdbx_validate_rmsd_bond.label_alt_id_1 
_pdbx_validate_rmsd_bond.auth_atom_id_2 
_pdbx_validate_rmsd_bond.auth_asym_id_2 
_pdbx_validate_rmsd_bond.auth_comp_id_2 
_pdbx_validate_rmsd_bond.auth_seq_id_2 
_pdbx_validate_rmsd_bond.PDB_ins_code_2 
_pdbx_validate_rmsd_bond.label_alt_id_2 
_pdbx_validate_rmsd_bond.bond_value 
_pdbx_validate_rmsd_bond.bond_target_value 
_pdbx_validate_rmsd_bond.bond_deviation 
_pdbx_validate_rmsd_bond.bond_standard_deviation 
_pdbx_validate_rmsd_bond.linker_flag 
1 1 N A GLN 100 ? ? CA  A GLN 100 ? B 1.657 1.459 0.198 0.020 N 
2 1 C A GLN 100 ? ? OXT A GLN 100 ? B 1.435 1.229 0.206 0.019 N 
# 
loop_
_chem_comp_atom.comp_id 
_chem_comp_atom.atom_id 
_chem_comp_atom.type_symbol 
_chem_comp_atom.pdbx_aromatic_flag 
_chem_comp_atom.pdbx_stereo_config 
_chem_comp_atom.pdbx_ordinal 
GLN N    N N N 1  
GLN CA   C N S 2  
GLN C    C N N 3  
GLN O    O N N 4  
GLN CB   C N N 5  
GLN CG   C N N 6  
GLN CD   C N N 7  
GLN OE1  O N N 8  
GLN NE2  N N N 9  
GLN OXT  O N N 10 
GLN H    H N N 11 
GLN H2   H N N 12 
GLN HA   H N N 13 
GLN HB2  H N N 14 
GLN HB3  H N N 15 
GLN HG2  H N N 16 
GLN HG3  H N N 17 
GLN HE21 H N N 18 
GLN HE22 H N N 19 
GLN HXT  H N N 20 
GLY N    N N N 21 
GLY CA   C N N 22 
GLY C    C N N 23 
GLY O    O N N 24 
GLY OXT  O N N 25 
GLY H    H N N 26 
GLY H2   H N N 27 
GLY HA2  H N N 28 
GLY HA3  H N N 29 
GLY HXT  H N N 30 
HOH O    O N N 31 
HOH H1   H N N 32 
HOH H2   H N N 33 
PHE N    N N N 34 
PHE CA   C N S 35 
PHE C    C N N 36 
PHE O    O N N 37 
PHE CB   C N N 38 
PHE CG   C Y N 39 
PHE CD1  C Y N 40 
PHE CD2  C Y N 41 
PHE CE1  C Y N 42 
PHE CE2  C Y N 43 
PHE CZ   C Y N 44 
PHE OXT  O N N 45 
PHE H    H N N 46 
PHE H2   H N N 47 
PHE HA   H N N 48 
PHE HB2  H N N 49 
PHE HB3  H N N 50 
PHE HD1  H N N 51 
PHE HD2  H N N 52 
PHE HE1  H N N 53 
PHE HE2  H N N 54 
PHE HZ   H N N 55 
PHE HXT  H N N 56 
THR N    N N N 57 
THR CA   C N S 58 
THR C    C N N 59 
THR O    O N N 60 
THR CB   C N R 61 
THR OG1  O N N 62 
THR CG2  C N N 63 
THR OXT  O N N 64 
THR H    H N N 65 
THR H2   H N N 66 
THR HA   H N N 67 
THR HB   H N N 68 
THR HG1  H N N 69 
THR HG21 H N N 70 
THR HG22 H N N 71 
THR HG23 H N N 72 
THR HXT  H N N 73 
TYR N    N N N 74 
TYR CA   C N S 75 
TYR C    C N N 76 
TYR O    O N N 77 
TYR CB   C N N 78 
TYR CG   C Y N 79 
TYR CD1  C Y N 80 
TYR CD2  C Y N 81 
TYR CE1  C Y N 82 
TYR CE2  C Y N 83 
TYR CZ   C Y N 84 
TYR OH   O N N 85 
TYR OXT  O N N 86 
TYR H    H N N 87 
TYR H2   H N N 88 
TYR HA   H N N 89 
TYR HB2  H N N 90 
TYR HB3  H N N 91 
TYR HD1  H N N 92 
TYR HD2  H N N 93 
TYR HE1  H N N 94 
TYR HE2  H N N 95 
TYR HH   H N N 96 
TYR HXT  H N N 97 
# 
loop_
_chem_comp_bond.comp_id 
_chem_comp_bond.atom_id_1 
_chem_comp_bond.atom_id_2 
_chem_comp_bond.value_order 
_chem_comp_bond.pdbx_aromatic_flag 
_chem_comp_bond.pdbx_stereo_config 
_chem_comp_bond.pdbx_ordinal 
GLN N   CA   sing N N 1  
GLN N   H    sing N N 2  
GLN N   H2   sing N N 3  
GLN CA  C    sing N N 4  
GLN CA  CB   sing N N 5  
GLN CA  HA   sing N N 6  
GLN C   O    doub N N 7  
GLN C   OXT  sing N N 8  
GLN CB  CG   sing N N 9  
GLN CB  HB2  sing N N 10 
GLN CB  HB3  sing N N 11 
GLN CG  CD   sing N N 12 
GLN CG  HG2  sing N N 13 
GLN CG  HG3  sing N N 14 
GLN CD  OE1  doub N N 15 
GLN CD  NE2  sing N N 16 
GLN NE2 HE21 sing N N 17 
GLN NE2 HE22 sing N N 18 
GLN OXT HXT  sing N N 19 
GLY N   CA   sing N N 20 
GLY N   H    sing N N 21 
GLY N   H2   sing N N 22 
GLY CA  C    sing N N 23 
GLY CA  HA2  sing N N 24 
GLY CA  HA3  sing N N 25 
GLY C   O    doub N N 26 
GLY C   OXT  sing N N 27 
GLY OXT HXT  sing N N 28 
HOH O   H1   sing N N 29 
HOH O   H2   sing N N 30 
PHE N   CA   sing N N 31 
PHE N   H    sing N N 32 
PHE N   H2   sing N N 33 
PHE CA  C    sing N N 34 
PHE CA  CB   sing N N 35 
PHE CA  HA   sing N N 36 
PHE C   O    doub N N 37 
PHE C   OXT  sing N N 38 
PHE CB  CG   sing N N 39 
PHE CB  HB2  sing N N 40 
PHE CB  HB3  sing N N 41 
PHE CG  CD1  doub Y N 42 
PHE CG  CD2  sing Y N 43 
PHE CD1 CE1  sing Y N 44 
PHE CD1 HD1  sing N N 45 
PHE CD2 CE2  doub Y N 46 
PHE CD2 HD2  sing N N 47 
PHE CE1 CZ   doub Y N 48 
PHE CE1 HE1  sing N N 49 
PHE CE2 CZ   sing Y N 50 
PHE CE2 HE2  sing N N 51 
PHE CZ  HZ   sing N N 52 
PHE OXT HXT  sing N N 53 
THR N   CA   sing N N 54 
THR N   H    sing N N 55 
THR N   H2   sing N N 56 
THR CA  C    sing N N 57 
THR CA  CB   sing N N 58 
THR CA  HA   sing N N 59 
THR C   O    doub N N 60 
THR C   OXT  sing N N 61 
THR CB  OG1  sing N N 62 
THR CB  CG2  sing N N 63 
THR CB  HB   sing N N 64 
THR OG1 HG1  sing N N 65 
THR CG2 HG21 sing N N 66 
THR CG2 HG22 sing N N 67 
THR CG2 HG23 sing N N 68 
THR OXT HXT  sing N N 69 
TYR N   CA   sing N N 70 
TYR N   H    sing N N 71 
TYR N   H2   sing N N 72 
TYR CA  C    sing N N 73 
TYR CA  CB   sing N N 74 
TYR CA  HA   sing N N 75 
TYR C   O    doub N N 76 
TYR C   OXT  sing N N 77 
TYR CB  CG   sing N N 78 
TYR CB  HB2  sing N N 79 
TYR CB  HB3  sing N N 80 
TYR CG  CD1  doub Y N 81 
TYR CG  CD2  sing Y N 82 
TYR CD1 CE1  sing Y N 83 
TYR CD1 HD1  sing N N 84 
TYR CD2 CE2  doub Y N 85 
TYR CD2 HD2  sing N N 86 
TYR CE1 CZ   doub Y N 87 
TYR CE1 HE1  sing N N 88 
TYR CE2 CZ   sing Y N 89 
TYR CE2 HE2  sing N N 90 
TYR CZ  OH   sing N N 91 
TYR OH  HH   sing N N 92 
TYR OXT HXT  sing N N 93 
# 
loop_
_pdbx_audit_support.funding_organization 
_pdbx_audit_support.country 
_pdbx_audit_support.grant_number 
_pdbx_audit_support.ordinal 
'National Institutes of Health/National Institute on Aging (NIH/NIA)'                      'United States' 1R01AG048120-01 1 
'National Institutes of Health/National Institute of General Medical Sciences (NIH/NIGMS)' 'United States' 'P41 GM103403'  2 
# 
_atom_sites.entry_id                    6DIY 
_atom_sites.fract_transf_matrix[1][1]   -0.00837515 
_atom_sites.fract_transf_matrix[1][2]   0.00935560 
_atom_sites.fract_transf_matrix[1][3]   -0.02518489 
_atom_sites.fract_transf_matrix[2][1]   0.03657921 
_atom_sites.fract_transf_matrix[2][2]   -0.18757853 
_atom_sites.fract_transf_matrix[2][3]   -0.08184537 
_atom_sites.fract_transf_matrix[3][1]   -0.05382364 
_atom_sites.fract_transf_matrix[3][2]   -0.00982824 
_atom_sites.fract_transf_matrix[3][3]   -0.00153045 
_atom_sites.fract_transf_vector[1]      0.308918 
_atom_sites.fract_transf_vector[2]      0.627546 
_atom_sites.fract_transf_vector[3]      0.177487 
# 
loop_
_atom_type.symbol 
C 
H 
N 
O 
# 
loop_
_atom_site.group_PDB 
_atom_site.id 
_atom_site.type_symbol 
_atom_site.label_atom_id 
_atom_site.label_alt_id 
_atom_site.label_comp_id 
_atom_site.label_asym_id 
_atom_site.label_entity_id 
_atom_site.label_seq_id 
_atom_site.pdbx_PDB_ins_code 
_atom_site.Cartn_x 
_atom_site.Cartn_y 
_atom_site.Cartn_z 
_atom_site.occupancy 
_atom_site.B_iso_or_equiv 
_atom_site.pdbx_formal_charge 
_atom_site.auth_seq_id 
_atom_site.auth_comp_id 
_atom_site.auth_asym_id 
_atom_site.auth_atom_id 
_atom_site.pdbx_PDB_model_num 
ATOM   1  N N    . TYR A 1 1 ? 1.088  -3.116 8.470  1.00 4.33  ? 96  TYR A N    1 
ATOM   2  C CA   . TYR A 1 1 ? 0.131  -3.157 7.295  1.00 3.18  ? 96  TYR A CA   1 
ATOM   3  C C    . TYR A 1 1 ? 0.506  -1.975 6.396  1.00 2.47  ? 96  TYR A C    1 
ATOM   4  O O    . TYR A 1 1 ? 0.488  -0.836 6.842  1.00 3.29  ? 96  TYR A O    1 
ATOM   5  C CB   . TYR A 1 1 ? -1.302 -3.035 7.786  1.00 3.32  ? 96  TYR A CB   1 
ATOM   6  C CG   . TYR A 1 1 ? -2.334 -3.020 6.674  1.00 3.58  ? 96  TYR A CG   1 
ATOM   7  C CD1  . TYR A 1 1 ? -2.572 -1.873 5.916  1.00 4.26  ? 96  TYR A CD1  1 
ATOM   8  C CD2  . TYR A 1 1 ? -3.084 -4.144 6.387  1.00 5.07  ? 96  TYR A CD2  1 
ATOM   9  C CE1  . TYR A 1 1 ? -3.538 -1.853 4.913  1.00 4.51  ? 96  TYR A CE1  1 
ATOM   10 C CE2  . TYR A 1 1 ? -4.061 -4.129 5.395  1.00 5.85  ? 96  TYR A CE2  1 
ATOM   11 C CZ   . TYR A 1 1 ? -4.276 -2.980 4.665  1.00 5.29  ? 96  TYR A CZ   1 
ATOM   12 O OH   . TYR A 1 1 ? -5.275 -2.958 3.679  1.00 7.02  ? 96  TYR A OH   1 
ATOM   13 H HA   . TYR A 1 1 ? 0.227  -4.004 6.815  1.00 3.07  ? 96  TYR A HA   1 
ATOM   14 H HB2  . TYR A 1 1 ? -1.497 -3.785 8.370  1.00 3.35  ? 96  TYR A HB2  1 
ATOM   15 H HB3  . TYR A 1 1 ? -1.391 -2.205 8.279  1.00 3.35  ? 96  TYR A HB3  1 
ATOM   16 H HD1  . TYR A 1 1 ? -2.090 -1.098 6.088  1.00 4.07  ? 96  TYR A HD1  1 
ATOM   17 H HD2  . TYR A 1 1 ? -2.955 -4.919 6.885  1.00 4.64  ? 96  TYR A HD2  1 
ATOM   18 H HE1  . TYR A 1 1 ? -3.695 -1.075 4.428  1.00 4.49  ? 96  TYR A HE1  1 
ATOM   19 H HE2  . TYR A 1 1 ? -4.564 -4.891 5.222  1.00 5.16  ? 96  TYR A HE2  1 
ATOM   20 N N    . THR A 1 2 ? 0.798  -2.305 5.143  1.00 2.45  ? 97  THR A N    1 
ATOM   21 C CA   . THR A 1 2 ? 1.155  -1.320 4.141  1.00 2.69  ? 97  THR A CA   1 
ATOM   22 C C    . THR A 1 2 ? 0.355  -1.621 2.868  1.00 2.52  ? 97  THR A C    1 
ATOM   23 O O    . THR A 1 2 ? 0.420  -2.739 2.351  1.00 3.25  ? 97  THR A O    1 
ATOM   24 C CB   . THR A 1 2 ? 2.652  -1.363 3.835  1.00 3.10  ? 97  THR A CB   1 
ATOM   25 O OG1  . THR A 1 2 ? 3.366  -1.100 5.057  1.00 4.30  ? 97  THR A OG1  1 
ATOM   26 C CG2  . THR A 1 2 ? 3.069  -0.322 2.812  1.00 3.86  ? 97  THR A CG2  1 
ATOM   27 H H    . THR A 1 2 ? 0.802  -3.252 4.790  1.00 2.52  ? 97  THR A H    1 
ATOM   28 H HA   . THR A 1 2 ? 0.942  -0.417 4.449  1.00 2.70  ? 97  THR A HA   1 
ATOM   29 H HB   . THR A 1 2 ? 2.892  -2.241 3.500  1.00 3.22  ? 97  THR A HB   1 
ATOM   30 H HG21 . THR A 1 2 ? 2.948  -0.668 1.924  1.00 3.68  ? 97  THR A HG21 1 
ATOM   31 H HG22 . THR A 1 2 ? 3.994  -0.095 2.932  1.00 3.76  ? 97  THR A HG22 1 
ATOM   32 H HG23 . THR A 1 2 ? 2.539  0.472  2.913  1.00 3.62  ? 97  THR A HG23 1 
ATOM   33 N N    . PHE A 1 3 ? -0.326 -0.584 2.365  1.00 2.66  ? 98  PHE A N    1 
ATOM   34 C CA   . PHE A 1 3 ? -1.042 -0.645 1.090  1.00 2.68  ? 98  PHE A CA   1 
ATOM   35 C C    . PHE A 1 3 ? -0.470 0.498  0.254  1.00 2.47  ? 98  PHE A C    1 
ATOM   36 O O    . PHE A 1 3 ? -0.516 1.652  0.677  1.00 3.33  ? 98  PHE A O    1 
ATOM   37 C CB   . PHE A 1 3 ? -2.545 -0.421 1.332  1.00 3.46  ? 98  PHE A CB   1 
ATOM   38 C CG   . PHE A 1 3 ? -3.388 -0.414 0.069  1.00 4.34  ? 98  PHE A CG   1 
ATOM   39 C CD1  . PHE A 1 3 ? -3.450 0.748  -0.735 1.00 6.34  ? 98  PHE A CD1  1 
ATOM   40 C CD2  . PHE A 1 3 ? -4.142 -1.528 -0.281 1.00 5.96  ? 98  PHE A CD2  1 
ATOM   41 C CE1  . PHE A 1 3 ? -4.231 0.751  -1.889 1.00 8.83  ? 98  PHE A CE1  1 
ATOM   42 C CE2  . PHE A 1 3 ? -4.946 -1.512 -1.429 1.00 7.40  ? 98  PHE A CE2  1 
ATOM   43 C CZ   . PHE A 1 3 ? -4.976 -0.368 -2.222 1.00 9.64  ? 98  PHE A CZ   1 
ATOM   44 H H    . PHE A 1 3 ? -0.409 0.313  2.821  1.00 2.59  ? 98  PHE A H    1 
ATOM   45 H HA   . PHE A 1 3 ? -0.916 -1.500 0.633  1.00 2.85  ? 98  PHE A HA   1 
ATOM   46 H HB2  . PHE A 1 3 ? -2.875 -1.127 1.910  1.00 3.38  ? 98  PHE A HB2  1 
ATOM   47 H HB3  . PHE A 1 3 ? -2.666 0.437  1.769  1.00 3.43  ? 98  PHE A HB3  1 
ATOM   48 H HD1  . PHE A 1 3 ? -2.955 1.502  -0.512 1.00 6.02  ? 98  PHE A HD1  1 
ATOM   49 H HD2  . PHE A 1 3 ? -4.119 -2.290 0.253  1.00 5.69  ? 98  PHE A HD2  1 
ATOM   50 H HE1  . PHE A 1 3 ? -4.267 1.512  -2.415 1.00 8.12  ? 98  PHE A HE1  1 
ATOM   51 H HE2  . PHE A 1 3 ? -5.438 -2.263 -1.670 1.00 7.00  ? 98  PHE A HE2  1 
ATOM   52 H HZ   . PHE A 1 3 ? -5.500 -0.357 -2.990 1.00 7.58  ? 98  PHE A HZ   1 
ATOM   53 N N    . GLY A 1 4 ? 0.058  0.157  -0.923 1.00 2.65  ? 99  GLY A N    1 
ATOM   54 C CA   . GLY A 1 4 ? 0.644  1.174  -1.792 1.00 3.08  ? 99  GLY A CA   1 
ATOM   55 C C    . GLY A 1 4 ? 0.199  0.970  -3.218 1.00 3.68  ? 99  GLY A C    1 
ATOM   56 O O    . GLY A 1 4 ? 0.127  -0.156 -3.738 1.00 6.40  ? 99  GLY A O    1 
ATOM   57 H H    . GLY A 1 4 ? 0.099  -0.782 -1.293 1.00 2.66  ? 99  GLY A H    1 
ATOM   58 H HA2  . GLY A 1 4 ? 0.400  2.064  -1.505 1.00 3.16  ? 99  GLY A HA2  1 
ATOM   59 H HA3  . GLY A 1 4 ? 1.609  1.105  -1.759 1.00 2.99  ? 99  GLY A HA3  1 
ATOM   60 N N    . GLN A 1 5 ? -0.076 2.072  -3.875 1.00 3.51  ? 100 GLN A N    1 
ATOM   61 C CA   A GLN A 1 5 ? -0.382 2.080  -5.271 0.50 3.51  ? 100 GLN A CA   1 
ATOM   62 C CA   B GLN A 1 5 ? -0.505 1.868  -5.462 0.50 5.04  ? 100 GLN A CA   1 
ATOM   63 C C    . GLN A 1 5 ? 0.010  3.349  -5.954 1.00 4.59  ? 100 GLN A C    1 
ATOM   64 O O    . GLN A 1 5 ? 0.570  4.238  -5.304 1.00 7.56  ? 100 GLN A O    1 
ATOM   65 C CB   A GLN A 1 5 ? -1.859 1.838  -5.479 0.50 5.05  ? 100 GLN A CB   1 
ATOM   66 C CB   B GLN A 1 5 ? -2.015 1.678  -5.568 0.50 5.15  ? 100 GLN A CB   1 
ATOM   67 C CG   A GLN A 1 5 ? -2.753 2.951  -4.963 0.50 6.43  ? 100 GLN A CG   1 
ATOM   68 C CG   B GLN A 1 5 ? -2.836 2.833  -5.011 0.50 6.38  ? 100 GLN A CG   1 
ATOM   69 C CD   A GLN A 1 5 ? -4.234 2.617  -4.977 0.50 8.80  ? 100 GLN A CD   1 
ATOM   70 C CD   B GLN A 1 5 ? -4.324 2.569  -5.057 0.50 8.81  ? 100 GLN A CD   1 
ATOM   71 O OE1  A GLN A 1 5 ? -5.032 3.379  -4.443 0.50 12.37 ? 100 GLN A OE1  1 
ATOM   72 O OE1  B GLN A 1 5 ? -4.741 1.478  -5.420 0.50 10.84 ? 100 GLN A OE1  1 
ATOM   73 N NE2  A GLN A 1 5 ? -4.594 1.472  -5.558 0.50 11.14 ? 100 GLN A NE2  1 
ATOM   74 N NE2  B GLN A 1 5 ? -5.121 3.565  -4.687 0.50 11.31 ? 100 GLN A NE2  1 
ATOM   75 O OXT  A GLN A 1 5 ? -0.249 3.516  -7.119 0.50 5.03  ? 100 GLN A OXT  1 
ATOM   76 O OXT  B GLN A 1 5 ? -0.396 3.392  -7.329 0.50 5.89  ? 100 GLN A OXT  1 
ATOM   77 H H    . GLN A 1 5 ? -0.091 2.993  -3.436 1.00 3.54  ? 100 GLN A H    1 
ATOM   78 H HA   . GLN A 1 5 ? 0.102  1.361  -5.724 0.50 3.93  ? 100 GLN A HA   1 
ATOM   79 H HB2  A GLN A 1 5 ? -2.028 1.743  -6.429 0.50 4.82  ? 100 GLN A HB2  1 
ATOM   80 H HB2  B GLN A 1 5 ? -2.251 1.572  -6.503 0.50 5.33  ? 100 GLN A HB2  1 
ATOM   81 H HB3  A GLN A 1 5 ? -2.111 1.022  -5.020 0.50 5.00  ? 100 GLN A HB3  1 
ATOM   82 H HB3  B GLN A 1 5 ? -2.261 0.879  -5.077 0.50 4.15  ? 100 GLN A HB3  1 
ATOM   83 H HG2  A GLN A 1 5 ? -2.509 3.158  -4.046 0.50 6.14  ? 100 GLN A HG2  1 
ATOM   84 H HG2  B GLN A 1 5 ? -2.590 2.987  -4.086 0.50 6.27  ? 100 GLN A HG2  1 
ATOM   85 H HG3  A GLN A 1 5 ? -2.642 3.739  -5.517 0.50 6.29  ? 100 GLN A HG3  1 
ATOM   86 H HG3  B GLN A 1 5 ? -2.675 3.632  -5.536 0.50 6.34  ? 100 GLN A HG3  1 
ATOM   87 H HE21 A GLN A 1 5 ? -5.426 1.259  -5.608 0.50 10.66 ? 100 GLN A HE21 1 
ATOM   88 H HE21 B GLN A 1 5 ? -5.974 3.473  -4.733 0.50 10.55 ? 100 GLN A HE21 1 
ATOM   89 H HE22 A GLN A 1 5 ? -3.995 0.947  -5.884 0.50 11.10 ? 100 GLN A HE22 1 
ATOM   90 H HE22 B GLN A 1 5 ? -4.782 4.302  -4.401 0.50 10.57 ? 100 GLN A HE22 1 
HETATM 91 O O    . HOH B 2 . ? 3.476  -3.396 6.606  1.00 13.60 ? 201 HOH A O    1 
HETATM 92 O O    . HOH B 2 . ? 3.467  -1.661 8.700  1.00 33.04 ? 202 HOH A O    1 
# 
loop_
_atom_site_anisotrop.id 
_atom_site_anisotrop.type_symbol 
_atom_site_anisotrop.pdbx_label_atom_id 
_atom_site_anisotrop.pdbx_label_alt_id 
_atom_site_anisotrop.pdbx_label_comp_id 
_atom_site_anisotrop.pdbx_label_asym_id 
_atom_site_anisotrop.pdbx_label_seq_id 
_atom_site_anisotrop.pdbx_PDB_ins_code 
_atom_site_anisotrop.U[1][1] 
_atom_site_anisotrop.U[2][2] 
_atom_site_anisotrop.U[3][3] 
_atom_site_anisotrop.U[1][2] 
_atom_site_anisotrop.U[1][3] 
_atom_site_anisotrop.U[2][3] 
_atom_site_anisotrop.pdbx_auth_seq_id 
_atom_site_anisotrop.pdbx_auth_comp_id 
_atom_site_anisotrop.pdbx_auth_asym_id 
_atom_site_anisotrop.pdbx_auth_atom_id 
1  N N    . TYR A 1 ? 0.0481 0.0637 0.0529 0.0003  -0.0027 0.0154  96  TYR A N    
2  C CA   . TYR A 1 ? 0.0452 0.0369 0.0386 -0.0018 0.0075  0.0011  96  TYR A CA   
3  C C    . TYR A 1 ? 0.0304 0.0282 0.0353 0.0007  0.0028  -0.0028 96  TYR A C    
4  O O    . TYR A 1 ? 0.0565 0.0277 0.0406 0.0011  0.0026  -0.0028 96  TYR A O    
5  C CB   . TYR A 1 ? 0.0398 0.0435 0.0426 -0.0046 0.0016  0.0008  96  TYR A CB   
6  C CG   . TYR A 1 ? 0.0380 0.0554 0.0424 -0.0032 0.0032  -0.0045 96  TYR A CG   
7  C CD1  . TYR A 1 ? 0.0469 0.0586 0.0564 -0.0046 -0.0018 0.0029  96  TYR A CD1  
8  C CD2  . TYR A 1 ? 0.0597 0.0585 0.0742 -0.0111 -0.0119 -0.0022 96  TYR A CD2  
9  C CE1  . TYR A 1 ? 0.0445 0.0649 0.0619 0.0093  -0.0026 0.0002  96  TYR A CE1  
10 C CE2  . TYR A 1 ? 0.0645 0.0605 0.0970 -0.0080 -0.0245 -0.0149 96  TYR A CE2  
11 C CZ   . TYR A 1 ? 0.0503 0.0779 0.0726 0.0062  -0.0219 -0.0150 96  TYR A CZ   
12 O OH   . TYR A 1 ? 0.0788 0.0964 0.0914 0.0247  -0.0455 -0.0260 96  TYR A OH   
13 H HA   . TYR A 1 ? 0.0397 0.0382 0.0385 -0.0022 0.0032  -0.0001 96  TYR A HA   
14 H HB2  . TYR A 1 ? 0.0406 0.0438 0.0426 -0.0029 0.0016  0.0014  96  TYR A HB2  
15 H HB3  . TYR A 1 ? 0.0404 0.0445 0.0422 -0.0032 0.0029  0.0005  96  TYR A HB3  
16 H HD1  . TYR A 1 ? 0.0468 0.0554 0.0523 -0.0013 -0.0005 0.0003  96  TYR A HD1  
17 H HD2  . TYR A 1 ? 0.0522 0.0601 0.0640 -0.0082 -0.0089 -0.0044 96  TYR A HD2  
18 H HE1  . TYR A 1 ? 0.0459 0.0647 0.0597 0.0052  -0.0068 -0.0002 96  TYR A HE1  
19 H HE2  . TYR A 1 ? 0.0519 0.0597 0.0841 -0.0047 -0.0202 -0.0117 96  TYR A HE2  
20 N N    . THR A 2 ? 0.0278 0.0299 0.0351 -0.0008 0.0002  -0.0040 97  THR A N    
21 C CA   . THR A 2 ? 0.0333 0.0332 0.0355 -0.0031 0.0018  -0.0026 97  THR A CA   
22 C C    . THR A 2 ? 0.0324 0.0318 0.0312 0.0033  0.0036  -0.0021 97  THR A C    
23 O O    . THR A 2 ? 0.0543 0.0329 0.0360 0.0048  -0.0057 -0.0049 97  THR A O    
24 C CB   . THR A 2 ? 0.0319 0.0449 0.0407 -0.0064 0.0004  -0.0027 97  THR A CB   
25 O OG1  . THR A 2 ? 0.0330 0.0796 0.0505 -0.0165 -0.0065 -0.0053 97  THR A OG1  
26 C CG2  . THR A 2 ? 0.0431 0.0529 0.0503 -0.0072 0.0136  0.0009  97  THR A CG2  
27 H H    . THR A 2 ? 0.0307 0.0292 0.0357 -0.0036 0.0003  -0.0027 97  THR A H    
28 H HA   . THR A 2 ? 0.0323 0.0338 0.0365 -0.0012 0.0014  -0.0017 97  THR A HA   
29 H HB   . THR A 2 ? 0.0343 0.0456 0.0422 -0.0064 0.0022  -0.0034 97  THR A HB   
30 H HG21 . THR A 2 ? 0.0398 0.0486 0.0513 -0.0067 0.0074  0.0024  97  THR A HG21 
31 H HG22 . THR A 2 ? 0.0448 0.0507 0.0473 -0.0069 0.0073  0.0001  97  THR A HG22 
32 H HG23 . THR A 2 ? 0.0408 0.0506 0.0460 -0.0090 0.0073  0.0003  97  THR A HG23 
33 N N    . PHE A 3 ? 0.0356 0.0319 0.0336 0.0012  -0.0037 -0.0021 98  PHE A N    
34 C CA   . PHE A 3 ? 0.0270 0.0423 0.0325 -0.0018 -0.0008 0.0009  98  PHE A CA   
35 C C    . PHE A 3 ? 0.0303 0.0299 0.0332 0.0025  -0.0011 -0.0029 98  PHE A C    
36 O O    . PHE A 3 ? 0.0584 0.0291 0.0390 0.0038  0.0084  -0.0019 98  PHE A O    
37 C CB   . PHE A 3 ? 0.0288 0.0545 0.0479 0.0011  0.0055  0.0032  98  PHE A CB   
38 C CG   . PHE A 3 ? 0.0294 0.0735 0.0619 0.0041  -0.0042 -0.0092 98  PHE A CG   
39 C CD1  . PHE A 3 ? 0.0707 0.0890 0.0811 0.0122  -0.0294 0.0064  98  PHE A CD1  
40 C CD2  . PHE A 3 ? 0.0419 0.1012 0.0831 -0.0218 -0.0019 -0.0117 98  PHE A CD2  
41 C CE1  . PHE A 3 ? 0.1062 0.1505 0.0785 0.0280  -0.0379 0.0155  98  PHE A CE1  
42 C CE2  . PHE A 3 ? 0.0449 0.1389 0.0974 -0.0210 -0.0130 -0.0437 98  PHE A CE2  
43 C CZ   . PHE A 3 ? 0.0720 0.1946 0.0995 0.0159  -0.0352 -0.0127 98  PHE A CZ   
44 H H    . PHE A 3 ? 0.0331 0.0334 0.0317 -0.0007 -0.0017 -0.0029 98  PHE A H    
45 H HA   . PHE A 3 ? 0.0308 0.0408 0.0365 0.0003  -0.0004 0.0014  98  PHE A HA   
46 H HB2  . PHE A 3 ? 0.0291 0.0536 0.0456 -0.0006 0.0019  0.0023  98  PHE A HB2  
47 H HB3  . PHE A 3 ? 0.0295 0.0548 0.0461 0.0009  0.0019  0.0024  98  PHE A HB3  
48 H HD1  . PHE A 3 ? 0.0689 0.0895 0.0702 0.0108  -0.0175 0.0036  98  PHE A HD1  
49 H HD2  . PHE A 3 ? 0.0379 0.1002 0.0782 -0.0118 -0.0053 -0.0142 98  PHE A HD2  
50 H HE1  . PHE A 3 ? 0.0838 0.1283 0.0961 0.0187  -0.0328 0.0064  98  PHE A HE1  
51 H HE2  . PHE A 3 ? 0.0634 0.1136 0.0888 -0.0102 -0.0125 -0.0372 98  PHE A HE2  
52 H HZ   . PHE A 3 ? 0.0433 0.1699 0.0746 -0.0016 -0.0073 -0.0150 98  PHE A HZ   
53 N N    . GLY A 4 ? 0.0341 0.0299 0.0363 0.0035  0.0046  0.0001  99  GLY A N    
54 C CA   . GLY A 4 ? 0.0358 0.0372 0.0438 0.0005  0.0055  0.0057  99  GLY A CA   
55 C C    . GLY A 4 ? 0.0584 0.0417 0.0397 0.0064  0.0103  -0.0010 99  GLY A C    
56 O O    . GLY A 4 ? 0.1646 0.0422 0.0364 0.0201  0.0131  -0.0035 99  GLY A O    
57 H H    . GLY A 4 ? 0.0343 0.0298 0.0369 0.0000  0.0022  0.0003  99  GLY A H    
58 H HA2  . GLY A 4 ? 0.0404 0.0392 0.0403 0.0016  0.0048  0.0032  99  GLY A HA2  
59 H HA3  . GLY A 4 ? 0.0363 0.0367 0.0405 0.0033  0.0057  0.0029  99  GLY A HA3  
60 N N    . GLN A 5 ? 0.0518 0.0451 0.0364 -0.0012 -0.0077 -0.0027 100 GLN A N    
61 C CA   A GLN A 5 ? 0.0539 0.0424 0.0368 -0.0140 -0.0097 -0.0043 100 GLN A CA   
62 C CA   B GLN A 5 ? 0.0644 0.0816 0.0454 -0.0079 -0.0234 0.0228  100 GLN A CA   
63 C C    . GLN A 5 ? 0.0690 0.0513 0.0541 -0.0093 0.0041  0.0084  100 GLN A C    
64 O O    . GLN A 5 ? 0.1600 0.0633 0.0637 -0.0472 0.0125  0.0034  100 GLN A O    
65 C CB   A GLN A 5 ? 0.0578 0.0697 0.0640 -0.0266 -0.0159 -0.0092 100 GLN A CB   
66 C CB   B GLN A 5 ? 0.0653 0.0656 0.0644 -0.0185 -0.0061 0.0126  100 GLN A CB   
67 C CG   A GLN A 5 ? 0.0640 0.0927 0.0875 -0.0073 -0.0084 -0.0024 100 GLN A CG   
68 C CG   B GLN A 5 ? 0.0639 0.0886 0.0898 -0.0079 -0.0068 -0.0002 100 GLN A CG   
69 C CD   A GLN A 5 ? 0.0609 0.1318 0.1417 -0.0026 -0.0220 -0.0152 100 GLN A CD   
70 C CD   B GLN A 5 ? 0.0635 0.1311 0.1399 -0.0071 -0.0176 -0.0093 100 GLN A CD   
71 O OE1  A GLN A 5 ? 0.0558 0.1272 0.2869 -0.0242 0.0293  -0.0349 100 GLN A OE1  
72 O OE1  B GLN A 5 ? 0.0358 0.1616 0.2145 -0.0358 -0.0073 -0.0270 100 GLN A OE1  
73 N NE2  A GLN A 5 ? 0.1066 0.1603 0.1564 -0.0253 -0.0273 -0.0333 100 GLN A NE2  
74 N NE2  B GLN A 5 ? 0.0830 0.1307 0.2158 0.0080  -0.0460 -0.0281 100 GLN A NE2  
75 O OXT  A GLN A 5 ? 0.0804 0.0524 0.0582 -0.0012 -0.0122 0.0059  100 GLN A OXT  
76 O OXT  B GLN A 5 ? 0.1012 0.0709 0.0517 0.0144  -0.0088 0.0139  100 GLN A OXT  
77 H H    . GLN A 5 ? 0.0528 0.0438 0.0378 -0.0037 -0.0040 -0.0014 100 GLN A H    
78 H HA   . GLN A 5 ? 0.0548 0.0524 0.0421 -0.0065 -0.0037 -0.0018 100 GLN A HA   
79 H HB2  A GLN A 5 ? 0.0582 0.0640 0.0609 -0.0169 -0.0106 -0.0037 100 GLN A HB2  
80 H HB2  B GLN A 5 ? 0.0649 0.0718 0.0656 -0.0124 -0.0060 0.0046  100 GLN A HB2  
81 H HB3  A GLN A 5 ? 0.0584 0.0676 0.0640 -0.0131 -0.0137 -0.0041 100 GLN A HB3  
82 H HB3  B GLN A 5 ? 0.0639 0.0576 0.0358 -0.0058 -0.0111 0.0053  100 GLN A HB3  
83 H HG2  A GLN A 5 ? 0.0602 0.0867 0.0861 -0.0090 -0.0073 0.0005  100 GLN A HG2  
84 H HG2  B GLN A 5 ? 0.0637 0.0867 0.0876 -0.0100 -0.0049 0.0031  100 GLN A HG2  
85 H HG3  A GLN A 5 ? 0.0612 0.0921 0.0857 -0.0095 -0.0124 -0.0032 100 GLN A HG3  
86 H HG3  B GLN A 5 ? 0.0640 0.0910 0.0858 -0.0096 -0.0082 0.0003  100 GLN A HG3  
87 H HE21 A GLN A 5 ? 0.1079 0.1460 0.1511 -0.0231 -0.0313 -0.0264 100 GLN A HE21 
88 H HE21 B GLN A 5 ? 0.0830 0.1302 0.1876 0.0026  -0.0320 -0.0218 100 GLN A HE21 
89 H HE22 A GLN A 5 ? 0.1160 0.1517 0.1538 -0.0162 -0.0291 -0.0223 100 GLN A HE22 
90 H HE22 B GLN A 5 ? 0.0883 0.1265 0.1867 0.0063  -0.0306 -0.0238 100 GLN A HE22 
91 O O    . HOH B . ? 0.0623 0.1661 0.2880 0.0263  0.0391  0.1224  201 HOH A O    
92 O O    . HOH B . ? 0.1417 0.1649 0.9487 -0.0097 0.0619  -0.0270 202 HOH A O    
# 
